data_4LEB
#
_entry.id   4LEB
#
_cell.length_a   49.360
_cell.length_b   58.180
_cell.length_c   57.180
_cell.angle_alpha   90.00
_cell.angle_beta   114.49
_cell.angle_gamma   90.00
#
_symmetry.space_group_name_H-M   'P 1 21 1'
#
loop_
_entity.id
_entity.type
_entity.pdbx_description
1 polymer 'Agglutinin-like protein 3'
2 polymer hepta-threonine
3 water water
#
loop_
_entity_poly.entity_id
_entity_poly.type
_entity_poly.pdbx_seq_one_letter_code
_entity_poly.pdbx_strand_id
1 'polypeptide(L)'
;GKTITGVFNSFNSLTWSNAATYNYKGPGTPTWNAVLGWSLDGTSASPGDTFTLNMPCVFKFTTSQTSVDLTAHGVKYATC
QFQAGEEFMTFSTLTCTVSNTLTPSIKALGTVTLPLAFNVGGTGSSVDLEDSKCFTAGTNTVTFNDGGKKISINVDFERS
NVDPKGYLTDSRVIPSLNKVSTLFVAPQCANGYTSGTMGFANTYGDVQIDCSNIHVGITKGLNDWNYPVSSESFSYTKTC
SSNGIFITYKNVPAGYRPFVDAYISATDVNSYTLSYANEYTCAGGYWQRAPFTLRWTGYR
;
A
2 'polypeptide(L)' TTTTTTT B
#
# COMPACT_ATOMS: atom_id res chain seq x y z
N GLY A 1 -1.36 -28.48 17.88
CA GLY A 1 -0.23 -28.60 18.87
C GLY A 1 0.08 -27.30 19.60
N LYS A 2 1.34 -26.87 19.50
CA LYS A 2 1.81 -25.65 20.16
C LYS A 2 2.22 -24.62 19.11
N THR A 3 2.51 -23.40 19.59
CA THR A 3 3.08 -22.33 18.79
C THR A 3 4.60 -22.45 18.84
N ILE A 4 5.24 -22.47 17.66
CA ILE A 4 6.68 -22.50 17.60
C ILE A 4 7.20 -21.20 16.95
N THR A 5 8.47 -20.86 17.19
CA THR A 5 9.11 -19.70 16.61
C THR A 5 10.44 -20.10 16.02
N GLY A 6 11.01 -19.17 15.27
CA GLY A 6 12.28 -19.39 14.61
C GLY A 6 12.29 -20.42 13.47
N VAL A 7 11.14 -20.62 12.81
CA VAL A 7 11.09 -21.50 11.64
C VAL A 7 11.69 -20.77 10.43
N PHE A 8 11.21 -19.55 10.18
CA PHE A 8 11.83 -18.69 9.15
C PHE A 8 13.11 -18.12 9.71
N ASN A 9 14.21 -18.39 9.03
CA ASN A 9 15.52 -18.16 9.62
C ASN A 9 16.44 -17.25 8.80
N SER A 10 16.07 -16.94 7.56
CA SER A 10 16.86 -16.04 6.75
CA SER A 10 16.90 -16.12 6.69
C SER A 10 16.04 -15.40 5.65
N PHE A 11 16.44 -14.19 5.29
CA PHE A 11 15.81 -13.43 4.23
C PHE A 11 16.82 -13.52 3.06
N ASN A 12 16.62 -14.49 2.17
CA ASN A 12 17.67 -14.79 1.15
C ASN A 12 17.71 -13.80 0.04
N SER A 13 16.59 -13.41 -0.54
CA SER A 13 16.57 -12.45 -1.64
C SER A 13 15.28 -11.65 -1.65
N LEU A 14 15.32 -10.48 -2.23
CA LEU A 14 14.14 -9.61 -2.36
C LEU A 14 14.32 -8.92 -3.69
N THR A 15 13.57 -9.35 -4.71
CA THR A 15 13.84 -8.92 -6.07
CA THR A 15 13.82 -8.97 -6.10
C THR A 15 12.53 -8.49 -6.74
N TRP A 16 12.57 -7.42 -7.49
CA TRP A 16 11.40 -6.88 -8.15
C TRP A 16 11.21 -7.46 -9.55
N SER A 17 9.96 -7.81 -9.84
CA SER A 17 9.51 -8.20 -11.20
CA SER A 17 9.53 -8.19 -11.18
C SER A 17 8.36 -7.28 -11.55
N ASN A 18 8.60 -6.34 -12.45
CA ASN A 18 7.61 -5.32 -12.82
C ASN A 18 6.32 -6.03 -13.24
N ALA A 19 5.24 -5.80 -12.51
CA ALA A 19 4.00 -6.51 -12.85
C ALA A 19 3.26 -5.86 -14.01
N ALA A 20 3.66 -4.65 -14.39
CA ALA A 20 2.98 -3.99 -15.50
C ALA A 20 4.07 -3.28 -16.33
N THR A 21 3.99 -1.97 -16.52
CA THR A 21 5.04 -1.26 -17.21
C THR A 21 5.33 -0.07 -16.28
N TYR A 22 5.46 -0.33 -14.99
CA TYR A 22 5.79 0.76 -14.08
C TYR A 22 7.13 1.36 -14.42
N ASN A 23 7.22 2.70 -14.23
CA ASN A 23 8.42 3.44 -14.57
C ASN A 23 9.48 3.46 -13.50
N TYR A 24 9.10 3.04 -12.30
CA TYR A 24 10.03 3.03 -11.18
C TYR A 24 9.81 1.77 -10.36
N LYS A 25 10.91 1.33 -9.76
CA LYS A 25 10.95 0.16 -8.89
C LYS A 25 10.60 0.60 -7.46
N GLY A 26 9.32 0.90 -7.23
CA GLY A 26 8.89 1.41 -5.93
C GLY A 26 8.47 0.27 -5.01
N PRO A 27 8.50 0.50 -3.68
CA PRO A 27 8.03 -0.55 -2.77
C PRO A 27 6.55 -0.98 -2.99
N GLY A 28 5.70 -0.04 -3.40
CA GLY A 28 4.28 -0.31 -3.59
C GLY A 28 3.90 -0.74 -4.97
N THR A 29 4.87 -0.71 -5.92
CA THR A 29 4.60 -1.15 -7.28
C THR A 29 4.85 -2.65 -7.35
N PRO A 30 3.84 -3.47 -7.63
CA PRO A 30 4.06 -4.90 -7.67
C PRO A 30 4.98 -5.37 -8.84
N THR A 31 5.76 -6.42 -8.61
CA THR A 31 5.69 -7.40 -7.52
C THR A 31 7.07 -7.57 -6.92
N TRP A 32 7.22 -7.59 -5.62
CA TRP A 32 8.45 -7.92 -4.96
C TRP A 32 8.44 -9.36 -4.53
N ASN A 33 9.36 -10.19 -5.01
CA ASN A 33 9.40 -11.58 -4.63
C ASN A 33 10.36 -11.75 -3.49
N ALA A 34 9.85 -12.07 -2.30
CA ALA A 34 10.66 -12.23 -1.12
C ALA A 34 10.91 -13.72 -0.96
N VAL A 35 12.18 -14.10 -0.99
CA VAL A 35 12.52 -15.49 -0.81
C VAL A 35 13.13 -15.70 0.56
N LEU A 36 12.44 -16.52 1.38
CA LEU A 36 12.87 -16.73 2.76
C LEU A 36 13.36 -18.13 2.96
N GLY A 37 14.41 -18.28 3.75
CA GLY A 37 14.87 -19.62 4.15
C GLY A 37 14.12 -20.05 5.44
N TRP A 38 13.82 -21.35 5.56
CA TRP A 38 13.04 -21.91 6.73
C TRP A 38 13.62 -23.28 7.04
N SER A 39 13.42 -23.69 8.28
CA SER A 39 13.70 -25.07 8.65
C SER A 39 12.76 -25.62 9.69
N LEU A 40 12.44 -26.89 9.49
CA LEU A 40 11.57 -27.65 10.38
C LEU A 40 12.21 -29.00 10.71
N ASP A 41 12.15 -29.35 11.97
CA ASP A 41 12.78 -30.57 12.46
C ASP A 41 11.72 -31.39 13.21
N GLY A 42 11.46 -32.64 12.75
CA GLY A 42 10.39 -33.50 13.38
C GLY A 42 10.67 -33.84 14.83
N THR A 43 11.91 -33.64 15.25
CA THR A 43 12.28 -33.89 16.65
C THR A 43 11.85 -32.72 17.52
N SER A 44 11.46 -31.63 16.89
CA SER A 44 11.12 -30.40 17.60
C SER A 44 9.88 -29.71 16.99
N ALA A 45 9.15 -30.42 16.14
CA ALA A 45 7.92 -29.93 15.61
C ALA A 45 7.06 -31.12 15.28
N SER A 46 5.76 -30.95 15.45
CA SER A 46 4.83 -32.02 15.15
C SER A 46 3.76 -31.59 14.22
N PRO A 47 3.20 -32.55 13.48
CA PRO A 47 2.07 -32.20 12.63
C PRO A 47 0.98 -31.49 13.43
N GLY A 48 0.50 -30.37 12.90
CA GLY A 48 -0.54 -29.60 13.61
C GLY A 48 -0.02 -28.44 14.45
N ASP A 49 1.28 -28.38 14.74
CA ASP A 49 1.83 -27.14 15.36
C ASP A 49 1.75 -25.95 14.37
N THR A 50 1.74 -24.75 14.94
CA THR A 50 1.52 -23.57 14.15
C THR A 50 2.63 -22.55 14.39
N PHE A 51 2.83 -21.67 13.42
CA PHE A 51 3.81 -20.62 13.56
C PHE A 51 3.39 -19.47 12.64
N THR A 52 3.86 -18.26 12.94
CA THR A 52 3.40 -17.07 12.23
C THR A 52 4.56 -16.19 11.82
N LEU A 53 4.55 -15.75 10.56
CA LEU A 53 5.58 -14.84 10.06
C LEU A 53 5.01 -13.42 9.88
N ASN A 54 5.47 -12.50 10.72
CA ASN A 54 5.06 -11.11 10.76
CA ASN A 54 5.01 -11.11 10.67
C ASN A 54 5.83 -10.29 9.71
N MET A 55 5.12 -9.50 8.91
CA MET A 55 5.73 -8.79 7.78
CA MET A 55 5.75 -8.75 7.79
C MET A 55 5.37 -7.28 7.86
N PRO A 56 6.13 -6.52 8.64
CA PRO A 56 5.89 -5.08 8.72
C PRO A 56 5.94 -4.44 7.35
N CYS A 57 5.11 -3.44 7.12
CA CYS A 57 5.19 -2.61 5.92
C CYS A 57 4.73 -3.31 4.67
N VAL A 58 4.05 -4.45 4.78
CA VAL A 58 3.58 -5.19 3.61
C VAL A 58 2.05 -4.94 3.49
N PHE A 59 1.56 -4.43 2.39
CA PHE A 59 0.14 -4.15 2.15
C PHE A 59 -0.61 -5.40 1.72
N LYS A 60 -0.11 -6.16 0.75
CA LYS A 60 -0.87 -7.30 0.20
C LYS A 60 0.04 -8.25 -0.51
N PHE A 61 -0.48 -9.40 -0.82
CA PHE A 61 0.17 -10.39 -1.67
C PHE A 61 -0.41 -10.21 -3.03
N THR A 62 0.45 -10.23 -4.05
CA THR A 62 -0.01 -9.88 -5.40
C THR A 62 -0.27 -11.17 -6.18
N THR A 63 -1.13 -12.01 -5.61
CA THR A 63 -1.56 -13.26 -6.20
C THR A 63 -2.99 -13.53 -5.76
N SER A 64 -3.70 -14.29 -6.56
CA SER A 64 -5.00 -14.76 -6.13
C SER A 64 -4.91 -16.01 -5.25
N GLN A 65 -3.76 -16.67 -5.17
CA GLN A 65 -3.62 -17.75 -4.19
C GLN A 65 -3.88 -17.30 -2.75
N THR A 66 -4.53 -18.15 -1.95
CA THR A 66 -4.83 -17.87 -0.52
C THR A 66 -3.79 -18.47 0.45
N SER A 67 -2.91 -19.33 -0.07
CA SER A 67 -1.93 -19.98 0.78
C SER A 67 -0.75 -20.38 -0.03
N VAL A 68 0.31 -20.74 0.66
CA VAL A 68 1.55 -21.20 -0.01
C VAL A 68 2.08 -22.35 0.79
N ASP A 69 2.71 -23.30 0.11
CA ASP A 69 3.30 -24.44 0.81
C ASP A 69 4.77 -24.22 1.21
N LEU A 70 5.18 -24.79 2.34
CA LEU A 70 6.60 -24.97 2.61
C LEU A 70 7.00 -26.35 2.17
N THR A 71 7.79 -26.42 1.11
CA THR A 71 8.18 -27.68 0.48
C THR A 71 9.70 -27.76 0.42
N ALA A 72 10.28 -28.92 0.65
CA ALA A 72 11.71 -29.10 0.47
C ALA A 72 11.93 -30.49 -0.01
N HIS A 73 12.91 -30.61 -0.93
CA HIS A 73 13.38 -31.83 -1.56
C HIS A 73 12.16 -32.62 -2.00
N GLY A 74 11.20 -31.85 -2.54
CA GLY A 74 10.01 -32.33 -3.17
C GLY A 74 8.87 -32.74 -2.26
N VAL A 75 9.00 -32.54 -0.93
CA VAL A 75 7.96 -32.90 0.04
C VAL A 75 7.39 -31.65 0.70
N LYS A 76 6.06 -31.60 0.73
CA LYS A 76 5.36 -30.55 1.47
C LYS A 76 5.38 -30.80 2.95
N TYR A 77 5.91 -29.84 3.71
CA TYR A 77 5.99 -29.95 5.18
C TYR A 77 5.16 -28.95 6.00
N ALA A 78 4.64 -27.92 5.36
CA ALA A 78 3.73 -27.00 6.04
C ALA A 78 2.85 -26.30 5.03
N THR A 79 1.72 -25.76 5.49
CA THR A 79 0.85 -24.90 4.66
CA THR A 79 0.94 -24.85 4.63
C THR A 79 0.74 -23.57 5.37
N CYS A 80 0.89 -22.49 4.63
CA CYS A 80 0.79 -21.18 5.23
C CYS A 80 -0.30 -20.34 4.60
N GLN A 81 -1.16 -19.74 5.42
CA GLN A 81 -2.24 -18.96 4.92
C GLN A 81 -1.79 -17.48 4.88
N PHE A 82 -2.09 -16.81 3.78
CA PHE A 82 -1.78 -15.38 3.59
C PHE A 82 -2.81 -14.51 4.33
N GLN A 83 -2.38 -13.47 5.05
CA GLN A 83 -3.32 -12.46 5.48
C GLN A 83 -2.70 -11.08 5.18
N ALA A 84 -3.28 -10.43 4.21
CA ALA A 84 -2.87 -9.08 3.82
C ALA A 84 -3.31 -8.04 4.84
N GLY A 85 -2.39 -7.16 5.21
CA GLY A 85 -2.75 -6.07 6.15
C GLY A 85 -3.70 -5.10 5.51
N GLU A 86 -3.51 -4.75 4.24
CA GLU A 86 -4.33 -3.79 3.54
C GLU A 86 -4.54 -2.53 4.36
N GLU A 87 -5.80 -2.07 4.54
CA GLU A 87 -6.08 -0.85 5.32
C GLU A 87 -6.39 -1.19 6.77
N PHE A 88 -6.33 -2.45 7.14
CA PHE A 88 -6.64 -2.85 8.52
C PHE A 88 -5.49 -2.73 9.46
N MET A 89 -4.28 -3.13 9.00
CA MET A 89 -3.14 -3.09 9.87
CA MET A 89 -3.12 -3.14 9.87
C MET A 89 -1.90 -2.79 9.03
N THR A 90 -0.86 -2.33 9.70
CA THR A 90 0.36 -1.86 8.99
C THR A 90 1.24 -3.01 8.48
N PHE A 91 0.98 -4.24 8.87
CA PHE A 91 1.77 -5.43 8.53
C PHE A 91 0.90 -6.51 7.95
N SER A 92 1.50 -7.46 7.23
CA SER A 92 0.85 -8.66 6.79
C SER A 92 1.36 -9.86 7.56
N THR A 93 0.66 -11.01 7.44
CA THR A 93 1.10 -12.20 8.13
C THR A 93 0.97 -13.47 7.28
N LEU A 94 1.80 -14.43 7.62
CA LEU A 94 1.59 -15.85 7.23
C LEU A 94 1.27 -16.63 8.46
N THR A 95 0.21 -17.43 8.42
CA THR A 95 -0.10 -18.33 9.55
C THR A 95 0.09 -19.73 9.01
N CYS A 96 1.00 -20.50 9.63
CA CYS A 96 1.43 -21.77 9.05
C CYS A 96 1.08 -22.94 9.98
N THR A 97 0.77 -24.10 9.39
CA THR A 97 0.48 -25.36 10.12
C THR A 97 1.42 -26.44 9.61
N VAL A 98 2.11 -27.14 10.52
CA VAL A 98 2.99 -28.25 10.12
C VAL A 98 2.18 -29.44 9.61
N SER A 99 2.57 -29.99 8.47
CA SER A 99 1.89 -31.13 7.83
CA SER A 99 1.90 -31.11 7.82
C SER A 99 2.25 -32.45 8.47
N ASN A 100 1.44 -33.46 8.21
CA ASN A 100 1.73 -34.83 8.67
C ASN A 100 2.99 -35.48 8.14
N THR A 101 3.56 -34.89 7.09
CA THR A 101 4.77 -35.40 6.46
C THR A 101 5.97 -35.20 7.36
N LEU A 102 5.83 -34.32 8.35
CA LEU A 102 6.93 -34.00 9.24
C LEU A 102 6.85 -35.00 10.34
N THR A 103 7.13 -36.24 9.92
CA THR A 103 7.25 -37.41 10.78
C THR A 103 8.56 -37.19 11.57
N PRO A 104 8.77 -37.95 12.64
CA PRO A 104 9.79 -37.55 13.64
C PRO A 104 11.25 -37.58 13.16
N SER A 105 11.52 -38.31 12.08
CA SER A 105 12.89 -38.43 11.62
C SER A 105 13.26 -37.39 10.53
N ILE A 106 12.30 -36.53 10.15
CA ILE A 106 12.52 -35.55 9.09
C ILE A 106 13.25 -34.30 9.59
N LYS A 107 14.29 -33.88 8.84
CA LYS A 107 14.91 -32.58 9.09
C LYS A 107 14.85 -31.81 7.76
N ALA A 108 14.02 -30.77 7.70
CA ALA A 108 13.74 -30.13 6.43
C ALA A 108 14.29 -28.72 6.43
N LEU A 109 15.05 -28.38 5.39
CA LEU A 109 15.56 -27.03 5.14
C LEU A 109 15.07 -26.64 3.78
N GLY A 110 14.43 -25.49 3.65
CA GLY A 110 13.90 -25.10 2.35
C GLY A 110 13.80 -23.61 2.21
N THR A 111 13.16 -23.19 1.14
CA THR A 111 12.90 -21.77 0.93
C THR A 111 11.45 -21.63 0.49
N VAL A 112 10.94 -20.40 0.51
CA VAL A 112 9.62 -20.14 -0.02
C VAL A 112 9.68 -18.75 -0.67
N THR A 113 8.86 -18.53 -1.67
CA THR A 113 8.79 -17.22 -2.29
CA THR A 113 8.76 -17.22 -2.33
C THR A 113 7.41 -16.59 -2.06
N LEU A 114 7.42 -15.33 -1.67
CA LEU A 114 6.14 -14.60 -1.38
C LEU A 114 6.02 -13.40 -2.32
N PRO A 115 4.92 -13.27 -3.07
CA PRO A 115 4.79 -12.13 -4.00
C PRO A 115 4.12 -10.94 -3.33
N LEU A 116 4.84 -9.87 -3.13
CA LEU A 116 4.43 -8.79 -2.21
C LEU A 116 4.28 -7.46 -2.86
N ALA A 117 3.43 -6.61 -2.31
CA ALA A 117 3.49 -5.16 -2.47
C ALA A 117 3.67 -4.53 -1.12
N PHE A 118 4.67 -3.69 -0.90
CA PHE A 118 4.83 -2.98 0.33
C PHE A 118 3.83 -1.83 0.43
N ASN A 119 3.52 -1.45 1.68
CA ASN A 119 2.80 -0.21 1.95
C ASN A 119 3.75 0.90 2.31
N VAL A 120 3.84 1.90 1.43
CA VAL A 120 4.54 3.14 1.79
C VAL A 120 3.64 4.35 1.74
N GLY A 121 2.33 4.06 1.97
CA GLY A 121 1.33 5.16 2.01
C GLY A 121 0.34 5.12 0.90
N GLY A 122 -0.54 6.12 0.90
CA GLY A 122 -1.48 6.24 -0.16
C GLY A 122 -2.78 6.97 0.19
N THR A 123 -3.08 7.04 1.50
CA THR A 123 -4.28 7.76 1.97
C THR A 123 -3.92 8.41 3.27
N GLY A 124 -4.93 9.10 3.85
CA GLY A 124 -4.75 9.64 5.17
C GLY A 124 -5.19 8.74 6.29
N SER A 125 -5.41 7.44 6.05
CA SER A 125 -5.65 6.52 7.15
C SER A 125 -4.49 6.40 8.12
N SER A 126 -4.75 6.03 9.38
CA SER A 126 -3.70 5.81 10.36
CA SER A 126 -3.68 5.84 10.35
CA SER A 126 -3.64 5.89 10.31
C SER A 126 -2.67 4.81 9.84
N VAL A 127 -3.18 3.74 9.25
CA VAL A 127 -2.31 2.65 8.74
C VAL A 127 -1.38 3.23 7.66
N ASP A 128 -1.93 3.97 6.70
CA ASP A 128 -1.08 4.47 5.58
C ASP A 128 -0.13 5.54 6.09
N LEU A 129 -0.57 6.45 6.96
CA LEU A 129 0.34 7.44 7.50
C LEU A 129 1.48 6.82 8.28
N GLU A 130 1.21 5.75 9.03
CA GLU A 130 2.25 5.05 9.73
CA GLU A 130 2.40 5.18 9.70
C GLU A 130 3.31 4.46 8.73
N ASP A 131 2.77 3.74 7.74
CA ASP A 131 3.66 3.05 6.79
C ASP A 131 4.27 4.03 5.82
N SER A 132 3.79 5.27 5.71
CA SER A 132 4.46 6.26 4.86
C SER A 132 5.88 6.56 5.33
N LYS A 133 6.25 6.16 6.55
CA LYS A 133 7.60 6.35 7.10
C LYS A 133 8.46 5.10 7.03
N CYS A 134 7.96 4.02 6.40
CA CYS A 134 8.70 2.73 6.39
C CYS A 134 10.08 2.88 5.67
N PHE A 135 10.08 3.56 4.52
CA PHE A 135 11.22 3.47 3.59
C PHE A 135 11.49 4.82 2.96
N THR A 136 12.68 4.94 2.37
CA THR A 136 13.07 6.12 1.56
C THR A 136 13.66 5.59 0.28
N ALA A 137 13.85 6.52 -0.65
CA ALA A 137 14.56 6.14 -1.85
C ALA A 137 15.97 5.63 -1.52
N GLY A 138 16.46 4.67 -2.29
CA GLY A 138 17.81 4.19 -2.09
C GLY A 138 17.83 2.91 -1.30
N THR A 139 18.93 2.68 -0.58
CA THR A 139 19.11 1.44 0.20
C THR A 139 18.26 1.47 1.48
N ASN A 140 17.51 0.37 1.69
CA ASN A 140 16.73 0.22 2.92
C ASN A 140 16.94 -1.15 3.48
N THR A 141 16.74 -1.30 4.77
CA THR A 141 16.67 -2.62 5.38
C THR A 141 15.22 -3.05 5.57
N VAL A 142 14.87 -4.24 5.08
CA VAL A 142 13.53 -4.80 5.22
C VAL A 142 13.63 -5.94 6.24
N THR A 143 12.80 -5.92 7.27
CA THR A 143 12.90 -6.92 8.34
C THR A 143 11.53 -7.59 8.58
N PHE A 144 11.51 -8.91 8.59
CA PHE A 144 10.35 -9.73 8.97
C PHE A 144 10.73 -10.49 10.23
N ASN A 145 9.74 -11.09 10.90
CA ASN A 145 10.06 -11.91 12.06
C ASN A 145 9.02 -12.95 12.28
N ASP A 146 9.46 -14.05 12.90
CA ASP A 146 8.69 -15.20 13.26
CA ASP A 146 8.45 -15.05 13.24
C ASP A 146 8.19 -15.15 14.76
N GLY A 147 8.62 -14.14 15.50
CA GLY A 147 8.35 -14.06 16.93
C GLY A 147 9.60 -14.15 17.79
N GLY A 148 10.66 -13.48 17.39
CA GLY A 148 11.89 -13.45 18.19
C GLY A 148 13.06 -13.28 17.25
N LYS A 149 13.08 -14.13 16.24
CA LYS A 149 14.18 -14.10 15.28
C LYS A 149 13.88 -13.02 14.21
N LYS A 150 14.51 -11.82 14.27
CA LYS A 150 14.31 -10.83 13.16
C LYS A 150 15.24 -11.18 11.99
N ILE A 151 14.65 -11.34 10.79
CA ILE A 151 15.37 -11.65 9.55
C ILE A 151 15.30 -10.49 8.59
N SER A 152 16.47 -10.07 8.12
CA SER A 152 16.60 -8.80 7.41
CA SER A 152 16.50 -8.85 7.35
C SER A 152 17.33 -8.95 6.10
N ILE A 153 17.05 -8.02 5.18
CA ILE A 153 17.82 -7.94 3.96
C ILE A 153 17.87 -6.47 3.52
N ASN A 154 18.91 -6.06 2.80
CA ASN A 154 18.97 -4.72 2.22
C ASN A 154 18.44 -4.79 0.82
N VAL A 155 17.81 -3.72 0.41
CA VAL A 155 17.24 -3.64 -0.91
C VAL A 155 17.31 -2.19 -1.38
N ASP A 156 17.38 -2.03 -2.70
CA ASP A 156 17.33 -0.72 -3.31
C ASP A 156 15.89 -0.45 -3.83
N PHE A 157 15.33 0.69 -3.40
CA PHE A 157 14.05 1.18 -3.89
C PHE A 157 14.22 2.45 -4.67
N GLU A 158 13.46 2.59 -5.76
CA GLU A 158 13.52 3.84 -6.55
C GLU A 158 12.36 4.72 -6.11
N ARG A 159 12.62 6.03 -5.98
CA ARG A 159 11.53 7.00 -5.78
C ARG A 159 10.58 7.02 -6.97
N SER A 160 9.39 7.57 -6.78
CA SER A 160 8.52 7.84 -7.90
C SER A 160 9.21 8.76 -8.90
N ASN A 161 8.94 8.54 -10.18
CA ASN A 161 9.43 9.48 -11.19
C ASN A 161 8.57 10.68 -11.39
N VAL A 162 7.46 10.78 -10.68
CA VAL A 162 6.57 11.92 -10.91
C VAL A 162 7.03 13.15 -10.09
N ASP A 163 7.12 14.29 -10.77
CA ASP A 163 7.56 15.53 -10.17
C ASP A 163 6.59 15.89 -9.03
N PRO A 164 7.11 16.02 -7.81
CA PRO A 164 6.18 16.22 -6.66
C PRO A 164 5.53 17.59 -6.65
N LYS A 165 5.97 18.52 -7.46
CA LYS A 165 5.43 19.88 -7.38
C LYS A 165 4.05 20.03 -8.02
N GLY A 166 3.71 19.13 -8.92
CA GLY A 166 2.39 19.19 -9.59
C GLY A 166 1.31 18.53 -8.74
N TYR A 167 0.16 18.40 -9.37
CA TYR A 167 -0.90 17.58 -8.68
C TYR A 167 -0.46 16.14 -8.68
N LEU A 168 -0.96 15.37 -7.73
CA LEU A 168 -0.53 13.99 -7.50
C LEU A 168 -1.71 13.10 -7.31
N THR A 169 -1.66 11.92 -7.83
CA THR A 169 -2.75 10.97 -7.72
C THR A 169 -2.23 9.59 -7.30
N ASP A 170 -3.15 8.69 -6.98
CA ASP A 170 -2.82 7.29 -6.64
C ASP A 170 -4.07 6.50 -6.78
N SER A 171 -3.99 5.24 -7.21
CA SER A 171 -5.11 4.31 -7.09
C SER A 171 -4.62 2.96 -6.74
N ARG A 172 -4.94 2.43 -5.57
CA ARG A 172 -4.48 1.15 -5.11
C ARG A 172 -5.62 0.20 -4.88
N VAL A 173 -5.58 -0.98 -5.47
CA VAL A 173 -6.65 -1.95 -5.22
C VAL A 173 -6.55 -2.54 -3.86
N ILE A 174 -7.74 -2.68 -3.22
CA ILE A 174 -7.85 -3.33 -1.88
C ILE A 174 -8.57 -4.67 -2.13
N PRO A 175 -7.81 -5.75 -2.35
CA PRO A 175 -8.45 -6.99 -2.87
C PRO A 175 -9.57 -7.54 -1.98
N SER A 176 -9.48 -7.47 -0.66
CA SER A 176 -10.51 -8.14 0.15
C SER A 176 -11.83 -7.38 0.08
N LEU A 177 -11.80 -6.10 -0.32
CA LEU A 177 -12.99 -5.31 -0.45
C LEU A 177 -13.53 -5.17 -1.84
N ASN A 178 -12.74 -5.53 -2.86
CA ASN A 178 -13.03 -5.18 -4.26
C ASN A 178 -13.33 -3.67 -4.39
N LYS A 179 -12.50 -2.87 -3.74
CA LYS A 179 -12.56 -1.44 -3.83
CA LYS A 179 -12.55 -1.44 -3.83
C LYS A 179 -11.15 -0.94 -4.15
N VAL A 180 -11.06 0.32 -4.52
CA VAL A 180 -9.75 0.91 -4.88
C VAL A 180 -9.67 2.19 -4.05
N SER A 181 -8.62 2.39 -3.31
CA SER A 181 -8.40 3.73 -2.68
C SER A 181 -7.83 4.67 -3.73
N THR A 182 -8.26 5.88 -3.73
CA THR A 182 -7.84 6.84 -4.72
C THR A 182 -7.54 8.18 -4.02
N LEU A 183 -6.45 8.81 -4.44
CA LEU A 183 -5.88 9.99 -3.76
C LEU A 183 -5.71 11.11 -4.74
N PHE A 184 -5.88 12.33 -4.23
CA PHE A 184 -5.58 13.55 -4.98
C PHE A 184 -4.92 14.54 -4.08
N VAL A 185 -3.70 14.98 -4.42
CA VAL A 185 -2.96 16.01 -3.70
C VAL A 185 -2.85 17.27 -4.57
N ALA A 186 -3.15 18.45 -4.05
CA ALA A 186 -3.11 19.66 -4.85
C ALA A 186 -1.67 19.95 -5.33
N PRO A 187 -1.55 20.68 -6.46
CA PRO A 187 -0.21 21.20 -6.79
C PRO A 187 0.38 22.01 -5.68
N GLN A 188 1.70 22.05 -5.60
CA GLN A 188 2.38 22.70 -4.51
CA GLN A 188 2.38 22.69 -4.49
C GLN A 188 2.34 24.22 -4.57
N CYS A 189 1.95 24.83 -3.47
CA CYS A 189 2.07 26.32 -3.22
C CYS A 189 3.00 26.37 -2.04
N ALA A 190 4.30 26.58 -2.29
CA ALA A 190 5.29 26.43 -1.23
C ALA A 190 5.07 27.42 -0.06
N ASN A 191 4.56 28.61 -0.36
CA ASN A 191 4.34 29.59 0.70
C ASN A 191 2.93 29.52 1.32
N GLY A 192 2.19 28.45 1.00
CA GLY A 192 0.84 28.29 1.50
C GLY A 192 -0.19 28.63 0.48
N TYR A 193 -1.46 28.38 0.82
CA TYR A 193 -2.59 28.54 -0.08
C TYR A 193 -3.57 29.53 0.50
N THR A 194 -3.96 30.52 -0.28
CA THR A 194 -5.07 31.39 0.09
CA THR A 194 -5.08 31.33 0.22
C THR A 194 -6.40 30.61 0.02
N SER A 195 -6.57 29.84 -1.06
CA SER A 195 -7.83 29.11 -1.23
C SER A 195 -7.65 28.07 -2.32
N GLY A 196 -8.65 27.19 -2.46
CA GLY A 196 -8.65 26.28 -3.61
C GLY A 196 -9.87 25.39 -3.55
N THR A 197 -10.11 24.68 -4.62
CA THR A 197 -11.17 23.66 -4.74
C THR A 197 -10.57 22.44 -5.40
N MET A 198 -10.78 21.26 -4.84
CA MET A 198 -10.23 20.05 -5.41
CA MET A 198 -10.19 20.04 -5.38
C MET A 198 -11.11 18.88 -5.14
N GLY A 199 -11.02 17.83 -5.93
CA GLY A 199 -11.75 16.61 -5.67
C GLY A 199 -11.87 15.82 -6.93
N PHE A 200 -12.62 14.73 -6.89
CA PHE A 200 -12.76 13.83 -8.01
C PHE A 200 -14.12 13.18 -8.07
N ALA A 201 -14.51 12.75 -9.25
CA ALA A 201 -15.85 12.23 -9.51
C ALA A 201 -15.90 11.15 -10.53
N ASN A 202 -16.94 10.33 -10.38
CA ASN A 202 -17.48 9.48 -11.43
C ASN A 202 -17.68 10.30 -12.70
N THR A 203 -17.34 9.73 -13.85
CA THR A 203 -17.44 10.44 -15.09
C THR A 203 -18.55 9.86 -15.97
N TYR A 204 -18.60 8.52 -16.08
CA TYR A 204 -19.50 7.88 -17.03
C TYR A 204 -20.57 7.02 -16.42
N GLY A 205 -20.61 6.88 -15.09
CA GLY A 205 -21.68 6.11 -14.45
C GLY A 205 -21.26 4.76 -13.90
N ASP A 206 -19.99 4.45 -14.08
CA ASP A 206 -19.42 3.15 -13.69
C ASP A 206 -18.62 3.23 -12.38
N VAL A 207 -18.56 4.42 -11.76
CA VAL A 207 -17.78 4.59 -10.53
C VAL A 207 -18.68 5.12 -9.42
N GLN A 208 -18.46 4.60 -8.22
CA GLN A 208 -19.11 5.09 -6.98
C GLN A 208 -18.11 5.35 -5.87
N ILE A 209 -18.14 6.60 -5.37
CA ILE A 209 -17.32 6.99 -4.21
C ILE A 209 -18.02 6.44 -2.96
N ASP A 210 -17.22 5.88 -2.06
CA ASP A 210 -17.69 5.37 -0.77
C ASP A 210 -17.44 6.47 0.27
N CYS A 211 -18.50 7.22 0.58
CA CYS A 211 -18.42 8.38 1.50
C CYS A 211 -18.11 7.97 2.95
N SER A 212 -18.18 6.68 3.24
CA SER A 212 -17.85 6.21 4.59
CA SER A 212 -17.84 6.16 4.56
C SER A 212 -16.36 5.94 4.74
N ASN A 213 -15.59 6.02 3.63
CA ASN A 213 -14.14 5.74 3.70
C ASN A 213 -13.37 6.83 3.02
N ILE A 214 -13.42 8.03 3.56
CA ILE A 214 -12.75 9.19 2.99
C ILE A 214 -11.79 9.81 3.96
N HIS A 215 -10.81 10.59 3.46
CA HIS A 215 -9.99 11.43 4.31
C HIS A 215 -9.80 12.77 3.62
N VAL A 216 -9.78 13.82 4.43
CA VAL A 216 -9.46 15.17 3.96
C VAL A 216 -8.46 15.69 4.95
N GLY A 217 -7.30 16.17 4.49
CA GLY A 217 -6.27 16.62 5.38
C GLY A 217 -5.23 17.51 4.73
N ILE A 218 -4.43 18.15 5.56
CA ILE A 218 -3.16 18.72 5.04
C ILE A 218 -1.99 17.94 5.59
N THR A 219 -1.07 17.65 4.68
CA THR A 219 0.13 16.89 5.01
C THR A 219 1.35 17.81 5.02
N LYS A 220 2.22 17.60 5.98
CA LYS A 220 3.50 18.36 6.08
C LYS A 220 4.53 17.72 5.14
N GLY A 221 4.42 18.04 3.88
CA GLY A 221 5.25 17.40 2.87
C GLY A 221 4.80 16.00 2.52
N LEU A 222 5.60 15.36 1.71
CA LEU A 222 5.29 14.03 1.14
C LEU A 222 6.52 13.14 1.25
N ASN A 223 6.34 11.83 1.11
CA ASN A 223 7.47 10.91 1.10
C ASN A 223 7.99 10.73 -0.36
N ASP A 224 8.89 9.80 -0.49
CA ASP A 224 9.58 9.59 -1.79
C ASP A 224 8.68 8.98 -2.86
N TRP A 225 7.44 8.59 -2.48
CA TRP A 225 6.45 8.11 -3.41
C TRP A 225 5.27 9.04 -3.49
N ASN A 226 5.48 10.31 -3.07
CA ASN A 226 4.48 11.35 -3.22
C ASN A 226 3.19 11.03 -2.46
N TYR A 227 3.38 10.42 -1.30
CA TYR A 227 2.21 10.14 -0.40
C TYR A 227 2.29 11.00 0.83
N PRO A 228 1.09 11.34 1.36
CA PRO A 228 1.01 12.06 2.65
C PRO A 228 1.73 11.36 3.76
N VAL A 229 2.39 12.14 4.59
CA VAL A 229 3.09 11.66 5.79
C VAL A 229 2.40 12.13 7.10
N SER A 230 1.49 13.10 6.97
CA SER A 230 0.67 13.50 8.14
CA SER A 230 0.73 13.63 8.10
C SER A 230 -0.64 13.95 7.62
N SER A 231 -1.58 14.11 8.59
CA SER A 231 -2.90 14.60 8.22
C SER A 231 -3.44 15.46 9.36
N GLU A 232 -3.45 16.76 9.14
CA GLU A 232 -3.96 17.72 10.15
CA GLU A 232 -3.90 17.73 10.12
C GLU A 232 -5.21 18.32 9.64
N SER A 233 -6.06 18.74 10.61
CA SER A 233 -7.27 19.49 10.24
C SER A 233 -6.95 20.89 9.75
N PHE A 234 -7.87 21.45 9.00
CA PHE A 234 -7.70 22.78 8.41
C PHE A 234 -9.07 23.25 8.00
N SER A 235 -9.10 24.49 7.49
N SER A 235 -9.19 24.53 7.61
CA SER A 235 -10.34 25.15 7.12
CA SER A 235 -10.52 25.03 7.31
C SER A 235 -10.88 24.73 5.76
C SER A 235 -10.90 24.73 5.86
N TYR A 236 -11.93 23.91 5.73
CA TYR A 236 -12.52 23.48 4.43
C TYR A 236 -13.99 23.16 4.62
N THR A 237 -14.68 23.12 3.48
CA THR A 237 -15.96 22.54 3.35
C THR A 237 -15.94 21.43 2.34
N LYS A 238 -16.80 20.47 2.49
CA LYS A 238 -16.82 19.29 1.65
C LYS A 238 -18.22 18.95 1.18
N THR A 239 -18.36 18.39 0.01
CA THR A 239 -19.55 17.68 -0.41
CA THR A 239 -19.54 17.72 -0.42
C THR A 239 -19.13 16.29 -0.82
N CYS A 240 -19.89 15.29 -0.41
CA CYS A 240 -19.62 13.92 -0.74
C CYS A 240 -20.86 13.20 -1.13
N SER A 241 -20.85 12.51 -2.24
CA SER A 241 -21.96 11.62 -2.66
C SER A 241 -21.33 10.45 -3.39
N SER A 242 -22.11 9.45 -3.76
CA SER A 242 -21.53 8.41 -4.59
CA SER A 242 -21.57 8.40 -4.61
C SER A 242 -20.98 8.91 -5.91
N ASN A 243 -21.42 10.08 -6.38
CA ASN A 243 -20.90 10.56 -7.64
C ASN A 243 -19.51 11.22 -7.49
N GLY A 244 -19.16 11.72 -6.31
CA GLY A 244 -17.85 12.40 -6.17
C GLY A 244 -17.64 13.07 -4.84
N ILE A 245 -16.42 13.47 -4.57
CA ILE A 245 -16.05 14.15 -3.35
C ILE A 245 -15.30 15.42 -3.71
N PHE A 246 -15.71 16.56 -3.21
CA PHE A 246 -15.06 17.83 -3.50
C PHE A 246 -14.90 18.67 -2.29
N ILE A 247 -13.82 19.37 -2.15
CA ILE A 247 -13.59 20.30 -1.09
C ILE A 247 -13.29 21.66 -1.57
N THR A 248 -13.65 22.67 -0.79
CA THR A 248 -13.15 24.03 -0.98
C THR A 248 -12.47 24.42 0.32
N TYR A 249 -11.31 25.05 0.23
CA TYR A 249 -10.51 25.28 1.42
C TYR A 249 -9.92 26.67 1.41
N LYS A 250 -9.35 27.04 2.55
CA LYS A 250 -8.70 28.35 2.73
C LYS A 250 -7.53 28.24 3.70
N ASN A 251 -6.57 29.14 3.52
CA ASN A 251 -5.52 29.44 4.48
C ASN A 251 -4.68 28.24 4.91
N VAL A 252 -4.19 27.48 3.96
CA VAL A 252 -3.31 26.35 4.28
C VAL A 252 -1.90 26.91 4.49
N PRO A 253 -1.25 26.62 5.63
CA PRO A 253 0.08 27.22 5.87
C PRO A 253 1.19 26.69 4.97
N ALA A 254 2.22 27.52 4.87
CA ALA A 254 3.45 27.17 4.17
C ALA A 254 4.00 25.81 4.64
N GLY A 255 4.37 24.99 3.67
CA GLY A 255 4.94 23.69 4.01
C GLY A 255 3.93 22.54 4.03
N TYR A 256 2.66 22.88 3.93
CA TYR A 256 1.57 21.88 3.89
C TYR A 256 0.97 21.73 2.50
N ARG A 257 0.40 20.56 2.21
CA ARG A 257 -0.32 20.33 0.96
C ARG A 257 -1.72 19.73 1.32
N PRO A 258 -2.80 20.27 0.74
CA PRO A 258 -4.12 19.64 0.97
C PRO A 258 -4.29 18.41 0.11
N PHE A 259 -5.00 17.40 0.65
CA PHE A 259 -5.27 16.17 -0.08
C PHE A 259 -6.64 15.65 0.31
N VAL A 260 -7.19 14.87 -0.61
CA VAL A 260 -8.47 14.18 -0.43
CA VAL A 260 -8.44 14.17 -0.38
C VAL A 260 -8.28 12.75 -0.91
N ASP A 261 -8.82 11.77 -0.23
CA ASP A 261 -8.85 10.39 -0.71
C ASP A 261 -10.18 9.72 -0.38
N ALA A 262 -10.45 8.66 -1.09
CA ALA A 262 -11.71 7.95 -0.89
C ALA A 262 -11.56 6.57 -1.39
N TYR A 263 -12.23 5.59 -0.82
CA TYR A 263 -12.48 4.35 -1.52
C TYR A 263 -13.45 4.53 -2.64
N ILE A 264 -13.22 3.82 -3.75
CA ILE A 264 -14.19 3.82 -4.81
C ILE A 264 -14.50 2.37 -5.20
N SER A 265 -15.69 2.21 -5.77
CA SER A 265 -16.10 0.96 -6.44
CA SER A 265 -15.99 0.94 -6.45
C SER A 265 -16.21 1.25 -7.92
N ALA A 266 -15.93 0.29 -8.78
CA ALA A 266 -16.14 0.50 -10.21
C ALA A 266 -16.74 -0.74 -10.85
N THR A 267 -17.51 -0.57 -11.90
CA THR A 267 -18.02 -1.75 -12.64
C THR A 267 -16.84 -2.65 -13.02
N ASP A 268 -15.74 -2.03 -13.43
CA ASP A 268 -14.50 -2.76 -13.74
C ASP A 268 -13.35 -2.01 -13.07
N VAL A 269 -12.85 -2.54 -11.97
CA VAL A 269 -11.76 -1.84 -11.23
C VAL A 269 -10.47 -1.77 -12.07
N ASN A 270 -10.43 -2.51 -13.18
CA ASN A 270 -9.26 -2.51 -14.07
C ASN A 270 -9.38 -1.51 -15.25
N SER A 271 -10.50 -0.79 -15.33
CA SER A 271 -10.66 0.21 -16.39
C SER A 271 -11.77 1.21 -16.00
N TYR A 272 -11.37 2.44 -15.61
CA TYR A 272 -12.35 3.48 -15.22
C TYR A 272 -11.71 4.84 -15.39
N THR A 273 -12.56 5.84 -15.58
CA THR A 273 -12.11 7.24 -15.68
C THR A 273 -12.61 8.06 -14.51
N LEU A 274 -11.78 8.86 -13.92
CA LEU A 274 -12.15 9.88 -12.91
C LEU A 274 -11.97 11.30 -13.45
N SER A 275 -12.88 12.18 -13.07
CA SER A 275 -12.80 13.62 -13.40
C SER A 275 -12.36 14.43 -12.18
N TYR A 276 -11.39 15.32 -12.31
CA TYR A 276 -10.81 16.02 -11.16
C TYR A 276 -11.08 17.52 -11.26
N ALA A 277 -11.49 18.08 -10.15
CA ALA A 277 -11.51 19.56 -9.95
C ALA A 277 -10.18 19.99 -9.41
N ASN A 278 -9.60 21.07 -9.96
CA ASN A 278 -8.26 21.46 -9.62
C ASN A 278 -8.10 22.99 -9.76
N GLU A 279 -8.39 23.72 -8.71
CA GLU A 279 -8.24 25.15 -8.69
C GLU A 279 -7.55 25.53 -7.40
N TYR A 280 -6.61 26.47 -7.49
CA TYR A 280 -5.92 26.89 -6.28
C TYR A 280 -5.32 28.30 -6.47
N THR A 281 -5.15 28.97 -5.35
CA THR A 281 -4.51 30.30 -5.30
C THR A 281 -3.48 30.25 -4.20
N CYS A 282 -2.22 30.38 -4.63
CA CYS A 282 -1.14 30.40 -3.65
C CYS A 282 -1.10 31.72 -2.89
N ALA A 283 -0.53 31.68 -1.70
CA ALA A 283 -0.27 32.91 -0.94
C ALA A 283 0.70 33.69 -1.84
N GLY A 284 0.37 34.90 -2.10
CA GLY A 284 1.18 35.64 -3.07
C GLY A 284 0.47 35.92 -4.36
N GLY A 285 -0.53 35.09 -4.66
CA GLY A 285 -1.52 35.40 -5.67
C GLY A 285 -1.49 34.56 -6.94
N TYR A 286 -0.46 33.74 -7.15
CA TYR A 286 -0.52 32.83 -8.29
C TYR A 286 -1.77 31.91 -8.25
N TRP A 287 -2.45 31.80 -9.38
CA TRP A 287 -3.73 31.05 -9.48
C TRP A 287 -3.76 30.18 -10.69
N GLN A 288 -4.35 28.97 -10.53
CA GLN A 288 -4.63 28.14 -11.68
C GLN A 288 -5.99 27.47 -11.51
N ARG A 289 -6.71 27.35 -12.60
CA ARG A 289 -7.89 26.49 -12.61
C ARG A 289 -7.66 25.52 -13.77
N ALA A 290 -7.44 24.25 -13.45
CA ALA A 290 -7.01 23.30 -14.46
C ALA A 290 -7.59 21.91 -14.21
N PRO A 291 -8.93 21.78 -14.36
CA PRO A 291 -9.53 20.45 -14.23
C PRO A 291 -9.02 19.49 -15.31
N PHE A 292 -9.11 18.21 -15.01
CA PHE A 292 -8.62 17.19 -15.94
C PHE A 292 -9.29 15.86 -15.67
N THR A 293 -9.07 14.91 -16.57
CA THR A 293 -9.57 13.56 -16.37
CA THR A 293 -9.57 13.56 -16.39
C THR A 293 -8.40 12.58 -16.48
N LEU A 294 -8.52 11.45 -15.78
CA LEU A 294 -7.52 10.40 -15.89
C LEU A 294 -8.16 9.08 -16.14
N ARG A 295 -7.54 8.28 -16.99
CA ARG A 295 -7.93 6.91 -17.29
C ARG A 295 -7.06 6.00 -16.46
N TRP A 296 -7.68 5.16 -15.64
CA TRP A 296 -7.01 4.25 -14.76
C TRP A 296 -7.18 2.81 -15.24
N THR A 297 -6.06 2.12 -15.34
CA THR A 297 -6.03 0.75 -15.86
C THR A 297 -5.31 -0.21 -14.91
N GLY A 298 -5.82 -1.45 -14.84
CA GLY A 298 -5.17 -2.53 -14.08
C GLY A 298 -4.67 -3.62 -15.01
N TYR A 299 -5.03 -3.53 -16.29
CA TYR A 299 -4.59 -4.47 -17.31
C TYR A 299 -3.32 -3.89 -17.91
N THR B 1 -3.38 5.20 -26.11
CA THR B 1 -4.08 6.00 -25.05
C THR B 1 -3.20 6.19 -23.81
N THR B 2 -3.08 7.45 -23.33
CA THR B 2 -2.43 7.74 -22.04
C THR B 2 -3.29 7.31 -20.83
N THR B 3 -2.76 6.36 -20.07
CA THR B 3 -3.44 5.85 -18.90
C THR B 3 -2.49 5.92 -17.73
N THR B 4 -3.01 5.74 -16.51
CA THR B 4 -2.15 5.47 -15.37
C THR B 4 -2.53 4.12 -14.78
N THR B 5 -1.53 3.31 -14.48
CA THR B 5 -1.73 1.98 -13.94
C THR B 5 -1.97 2.02 -12.45
N THR B 6 -2.99 1.27 -12.03
CA THR B 6 -3.22 1.13 -10.61
C THR B 6 -2.15 0.29 -9.93
N THR B 7 -2.15 0.27 -8.61
CA THR B 7 -1.26 -0.64 -7.85
C THR B 7 -2.06 -1.51 -6.90
#